data_1QRP
#
_entry.id   1QRP
#
_cell.length_a   71.900
_cell.length_b   151.270
_cell.length_c   40.790
_cell.angle_alpha   90.00
_cell.angle_beta   90.00
_cell.angle_gamma   90.00
#
_symmetry.space_group_name_H-M   'P 21 21 21'
#
loop_
_entity.id
_entity.type
_entity.pdbx_description
1 polymer 'PEPSIN 3A'
2 non-polymer 'methyl N-[(2S)-2-({(S)-hydroxy[(1R)-3-methyl-1-{[N-(3-methylbutanoyl)-L-valyl-L-valyl]amino}butyl]phosphoryl}oxy)-3-phenylpropanoyl]-L-alanyl-L-alaninate'
3 water water
#
_entity_poly.entity_id   1
_entity_poly.type   'polypeptide(L)'
_entity_poly.pdbx_seq_one_letter_code
;VDEQPLENYLDMEYFGTIGIGTPAQDFTVVFDTGSSNLWVPSVYCSSLACTNHNRFNPEDSSTYQSTSETVSITYGTGSM
TGILGYDTVQVGGISDTNQIFGLSETEPGSFLYYAPFDGILGLAYPSISSSGATPVFDNIWNQGLVSQDLFSVYLSADDQ
SGSVVIFGGIDSSYYTGSLNWVPVTVEGYWQITVDSITMNGEAIACAEGCQAIVDTGTSLLTGPTSPIANIQSDIGASEN
SDGDMVVSCSAISSLPDIVFTINGVQYPVPPSAYILQSEGSCISGFQGMNLPTESGELWILGDVFIRQYFTVFDRANNQV
GLAPVA
;
_entity_poly.pdbx_strand_id   E
#
# COMPACT_ATOMS: atom_id res chain seq x y z
N VAL A 1 8.56 13.10 15.31
CA VAL A 1 8.71 14.40 14.58
C VAL A 1 8.63 14.25 13.04
N ASP A 2 9.28 13.20 12.55
CA ASP A 2 9.43 12.96 11.07
C ASP A 2 8.17 12.48 10.30
N GLU A 3 7.18 13.36 10.19
CA GLU A 3 5.92 13.06 9.43
C GLU A 3 5.97 13.48 7.96
N GLN A 4 5.27 12.66 7.18
CA GLN A 4 5.10 12.84 5.72
C GLN A 4 3.59 12.84 5.42
N PRO A 5 2.98 14.00 5.11
CA PRO A 5 1.55 14.06 4.80
C PRO A 5 1.28 13.47 3.43
N LEU A 6 0.20 12.72 3.42
CA LEU A 6 -0.28 12.01 2.22
C LEU A 6 -1.60 12.62 1.76
N GLU A 7 -1.69 12.78 0.45
CA GLU A 7 -2.95 13.19 -0.21
C GLU A 7 -3.79 11.93 -0.48
N ASN A 8 -5.07 12.02 -0.09
CA ASN A 8 -6.12 11.00 -0.28
C ASN A 8 -6.89 11.29 -1.57
N TYR A 9 -6.75 10.39 -2.54
CA TYR A 9 -7.44 10.47 -3.83
C TYR A 9 -8.59 9.46 -3.91
N LEU A 10 -9.78 9.97 -3.56
CA LEU A 10 -11.09 9.29 -3.72
C LEU A 10 -11.21 7.97 -2.93
N ASP A 11 -10.49 7.90 -1.80
CA ASP A 11 -10.37 6.69 -0.96
C ASP A 11 -9.78 5.48 -1.71
N MET A 12 -9.09 5.74 -2.82
CA MET A 12 -8.53 4.68 -3.70
C MET A 12 -7.00 4.63 -3.68
N GLU A 13 -6.37 5.79 -3.52
CA GLU A 13 -4.92 5.94 -3.63
C GLU A 13 -4.45 7.02 -2.70
N TYR A 14 -3.27 6.83 -2.14
CA TYR A 14 -2.67 7.76 -1.19
C TYR A 14 -1.22 7.98 -1.63
N PHE A 15 -0.88 9.24 -1.78
CA PHE A 15 0.46 9.60 -2.26
C PHE A 15 0.98 10.89 -1.65
N GLY A 16 2.29 11.01 -1.64
CA GLY A 16 2.98 12.16 -1.03
C GLY A 16 4.08 12.59 -1.94
N THR A 17 4.55 13.80 -1.68
CA THR A 17 5.68 14.43 -2.39
C THR A 17 7.01 14.04 -1.76
N ILE A 18 7.94 13.65 -2.65
CA ILE A 18 9.37 13.44 -2.30
C ILE A 18 10.23 14.30 -3.22
N GLY A 19 11.42 14.64 -2.73
CA GLY A 19 12.44 15.32 -3.53
C GLY A 19 13.59 14.38 -3.90
N ILE A 20 14.01 14.38 -5.15
CA ILE A 20 15.17 13.60 -5.64
C ILE A 20 16.16 14.53 -6.31
N GLY A 21 17.42 14.42 -5.92
CA GLY A 21 18.53 15.15 -6.57
C GLY A 21 18.96 16.42 -5.85
N THR A 22 20.01 17.02 -6.37
CA THR A 22 20.52 18.34 -5.90
C THR A 22 20.59 19.34 -7.10
N PRO A 23 19.72 20.36 -7.11
CA PRO A 23 18.63 20.60 -6.14
C PRO A 23 17.48 19.64 -6.36
N ALA A 24 16.55 19.58 -5.42
CA ALA A 24 15.45 18.61 -5.47
C ALA A 24 14.47 18.85 -6.63
N GLN A 25 14.26 17.76 -7.36
CA GLN A 25 13.14 17.62 -8.33
C GLN A 25 12.03 16.87 -7.58
N ASP A 26 10.84 17.45 -7.55
CA ASP A 26 9.68 16.93 -6.80
C ASP A 26 8.86 15.95 -7.62
N PHE A 27 8.44 14.87 -6.95
CA PHE A 27 7.59 13.80 -7.50
C PHE A 27 6.56 13.42 -6.46
N THR A 28 5.40 12.98 -6.93
CA THR A 28 4.42 12.32 -6.06
C THR A 28 4.52 10.81 -6.18
N VAL A 29 4.58 10.13 -5.03
CA VAL A 29 4.76 8.66 -5.00
C VAL A 29 3.73 8.02 -4.06
N VAL A 30 3.15 6.90 -4.51
CA VAL A 30 2.38 6.02 -3.60
C VAL A 30 3.36 5.38 -2.60
N PHE A 31 3.04 5.52 -1.32
CA PHE A 31 3.80 4.89 -0.22
C PHE A 31 3.19 3.53 0.01
N ASP A 32 3.87 2.56 -0.60
CA ASP A 32 3.32 1.24 -0.88
C ASP A 32 3.99 0.13 -0.02
N THR A 33 3.22 -0.43 0.92
CA THR A 33 3.72 -1.56 1.74
C THR A 33 3.61 -2.93 1.07
N GLY A 34 3.15 -2.94 -0.19
CA GLY A 34 3.00 -4.18 -1.00
C GLY A 34 4.17 -4.45 -1.97
N SER A 35 5.13 -3.54 -1.98
CA SER A 35 6.32 -3.58 -2.84
C SER A 35 7.50 -2.91 -2.14
N SER A 36 8.67 -3.03 -2.76
CA SER A 36 9.94 -2.58 -2.11
C SER A 36 10.83 -1.65 -2.92
N ASN A 37 10.46 -1.39 -4.18
CA ASN A 37 11.28 -0.50 -5.02
C ASN A 37 10.79 0.92 -5.03
N LEU A 38 11.77 1.83 -5.12
CA LEU A 38 11.52 3.24 -5.42
C LEU A 38 11.82 3.45 -6.88
N TRP A 39 10.80 3.92 -7.58
CA TRP A 39 11.03 4.46 -8.93
C TRP A 39 10.15 5.67 -9.25
N VAL A 40 10.70 6.51 -10.15
CA VAL A 40 10.02 7.69 -10.71
C VAL A 40 10.15 7.71 -12.26
N PRO A 41 9.31 8.45 -13.01
CA PRO A 41 9.52 8.61 -14.47
C PRO A 41 10.80 9.40 -14.70
N SER A 42 11.44 9.16 -15.82
CA SER A 42 12.63 9.90 -16.23
C SER A 42 12.59 10.32 -17.70
N VAL A 43 13.54 11.17 -18.08
CA VAL A 43 13.74 11.63 -19.48
C VAL A 43 14.01 10.51 -20.49
N TYR A 44 14.41 9.33 -20.02
CA TYR A 44 14.65 8.16 -20.88
C TYR A 44 13.36 7.48 -21.33
N CYS A 45 12.25 7.91 -20.73
CA CYS A 45 10.93 7.33 -20.97
C CYS A 45 10.11 8.16 -21.96
N SER A 46 9.56 7.45 -22.95
CA SER A 46 8.77 8.02 -24.06
C SER A 46 7.37 7.42 -24.15
N SER A 47 7.02 6.59 -23.18
CA SER A 47 5.68 6.00 -23.03
C SER A 47 4.68 7.11 -22.78
N LEU A 48 3.41 6.83 -23.10
CA LEU A 48 2.31 7.79 -22.88
C LEU A 48 2.22 8.33 -21.44
N ALA A 49 2.38 7.46 -20.47
CA ALA A 49 2.33 7.81 -19.03
C ALA A 49 3.48 8.70 -18.60
N CYS A 50 4.65 8.55 -19.27
CA CYS A 50 5.79 9.43 -19.04
C CYS A 50 5.62 10.86 -19.57
N THR A 51 4.71 11.06 -20.52
CA THR A 51 4.54 12.37 -21.16
C THR A 51 3.71 13.36 -20.36
N ASN A 52 2.86 12.85 -19.46
CA ASN A 52 1.97 13.65 -18.60
C ASN A 52 2.26 13.57 -17.08
N HIS A 53 3.44 13.06 -16.75
CA HIS A 53 3.94 13.00 -15.38
C HIS A 53 5.32 13.67 -15.25
N ASN A 54 5.70 14.00 -14.02
CA ASN A 54 7.05 14.59 -13.81
C ASN A 54 8.16 13.56 -14.10
N ARG A 55 9.18 14.01 -14.82
CA ARG A 55 10.28 13.18 -15.31
C ARG A 55 11.60 13.63 -14.71
N PHE A 56 12.27 12.67 -14.06
CA PHE A 56 13.60 12.89 -13.49
C PHE A 56 14.59 13.16 -14.63
N ASN A 57 15.31 14.24 -14.44
CA ASN A 57 16.40 14.63 -15.37
C ASN A 57 17.75 14.47 -14.64
N PRO A 58 18.51 13.38 -14.88
CA PRO A 58 19.82 13.11 -14.25
C PRO A 58 20.84 14.22 -14.41
N GLU A 59 20.80 14.92 -15.57
CA GLU A 59 21.82 15.92 -15.93
C GLU A 59 21.76 17.17 -15.04
N ASP A 60 20.59 17.38 -14.49
CA ASP A 60 20.30 18.52 -13.60
C ASP A 60 20.64 18.31 -12.12
N SER A 61 21.07 17.11 -11.74
CA SER A 61 21.49 16.80 -10.37
C SER A 61 23.01 16.67 -10.20
N SER A 62 23.54 17.45 -9.26
CA SER A 62 24.99 17.41 -8.97
C SER A 62 25.46 16.16 -8.20
N THR A 63 24.47 15.43 -7.67
CA THR A 63 24.67 14.26 -6.81
C THR A 63 24.21 12.93 -7.41
N TYR A 64 23.83 12.93 -8.67
CA TYR A 64 23.44 11.70 -9.39
C TYR A 64 24.68 10.86 -9.77
N GLN A 65 24.51 9.56 -9.52
CA GLN A 65 25.50 8.53 -9.89
C GLN A 65 24.81 7.44 -10.72
N SER A 66 25.31 7.24 -11.93
CA SER A 66 24.75 6.20 -12.85
C SER A 66 25.23 4.80 -12.56
N THR A 67 24.37 3.82 -12.91
CA THR A 67 24.77 2.43 -12.95
C THR A 67 24.55 1.90 -14.37
N SER A 68 25.02 0.67 -14.61
CA SER A 68 24.73 -0.10 -15.84
C SER A 68 23.63 -1.18 -15.64
N GLU A 69 22.91 -1.12 -14.51
CA GLU A 69 21.87 -2.11 -14.17
C GLU A 69 20.45 -1.63 -14.40
N THR A 70 19.58 -2.59 -14.75
CA THR A 70 18.18 -2.31 -15.01
C THR A 70 17.27 -2.99 -13.98
N VAL A 71 16.03 -2.50 -14.02
CA VAL A 71 14.94 -3.00 -13.16
C VAL A 71 13.67 -3.14 -13.98
N SER A 72 12.94 -4.20 -13.69
CA SER A 72 11.64 -4.49 -14.27
C SER A 72 10.69 -4.90 -13.13
N ILE A 73 9.61 -4.13 -12.98
CA ILE A 73 8.64 -4.35 -11.89
C ILE A 73 7.25 -4.48 -12.52
N THR A 74 6.55 -5.54 -12.08
CA THR A 74 5.15 -5.81 -12.42
C THR A 74 4.30 -5.83 -11.16
N TYR A 75 3.25 -5.01 -11.21
CA TYR A 75 2.23 -4.89 -10.17
C TYR A 75 0.90 -5.54 -10.60
N GLY A 76 -0.01 -5.69 -9.67
CA GLY A 76 -1.40 -6.14 -9.96
C GLY A 76 -2.00 -5.25 -11.08
N THR A 77 -1.77 -3.94 -10.92
CA THR A 77 -2.17 -2.89 -11.87
C THR A 77 -0.97 -2.01 -12.18
N GLY A 78 -0.46 -2.17 -13.41
CA GLY A 78 0.69 -1.38 -13.89
C GLY A 78 2.02 -2.14 -13.84
N SER A 79 2.95 -1.62 -14.64
CA SER A 79 4.30 -2.19 -14.83
C SER A 79 5.26 -1.13 -15.35
N MET A 80 6.53 -1.32 -15.00
CA MET A 80 7.60 -0.43 -15.50
C MET A 80 8.88 -1.21 -15.80
N THR A 81 9.66 -0.67 -16.72
CA THR A 81 11.09 -1.00 -16.80
C THR A 81 11.90 0.28 -16.68
N GLY A 82 13.07 0.14 -16.11
CA GLY A 82 13.94 1.32 -15.98
C GLY A 82 15.38 0.95 -15.71
N ILE A 83 16.14 2.03 -15.55
CA ILE A 83 17.53 1.93 -15.17
C ILE A 83 17.71 2.42 -13.73
N LEU A 84 18.62 1.76 -13.00
CA LEU A 84 18.94 2.11 -11.63
C LEU A 84 20.02 3.18 -11.59
N GLY A 85 19.78 4.13 -10.72
CA GLY A 85 20.76 5.20 -10.41
C GLY A 85 20.73 5.46 -8.91
N TYR A 86 21.71 6.25 -8.46
CA TYR A 86 21.83 6.67 -7.04
C TYR A 86 21.69 8.18 -6.98
N ASP A 87 20.99 8.65 -5.94
CA ASP A 87 20.91 10.08 -5.60
C ASP A 87 20.32 10.25 -4.21
N THR A 88 20.24 11.49 -3.74
CA THR A 88 19.61 11.88 -2.48
C THR A 88 18.10 11.97 -2.64
N VAL A 89 17.41 11.24 -1.77
CA VAL A 89 15.95 11.26 -1.71
C VAL A 89 15.48 11.92 -0.39
N GLN A 90 14.76 13.04 -0.54
CA GLN A 90 14.13 13.76 0.58
C GLN A 90 12.71 13.25 0.82
N VAL A 91 12.54 12.68 1.99
CA VAL A 91 11.28 11.99 2.37
C VAL A 91 11.09 12.05 3.86
N GLY A 92 9.95 12.64 4.26
CA GLY A 92 9.50 12.71 5.67
C GLY A 92 10.45 13.51 6.59
N GLY A 93 11.04 14.53 5.99
CA GLY A 93 12.07 15.45 6.53
C GLY A 93 13.46 14.84 6.73
N ILE A 94 13.68 13.67 6.07
CA ILE A 94 14.93 12.93 6.10
C ILE A 94 15.63 13.05 4.73
N SER A 95 16.89 13.47 4.79
CA SER A 95 17.80 13.43 3.62
C SER A 95 18.47 12.07 3.45
N ASP A 96 17.79 11.18 2.70
CA ASP A 96 18.22 9.80 2.44
C ASP A 96 19.24 9.76 1.31
N THR A 97 20.48 10.04 1.70
CA THR A 97 21.66 10.03 0.81
C THR A 97 22.01 8.63 0.29
N ASN A 98 22.52 8.60 -0.95
CA ASN A 98 23.01 7.42 -1.67
C ASN A 98 21.94 6.32 -1.78
N GLN A 99 20.78 6.78 -2.23
CA GLN A 99 19.61 5.94 -2.43
C GLN A 99 19.56 5.50 -3.90
N ILE A 100 19.55 4.20 -4.05
CA ILE A 100 19.27 3.52 -5.34
C ILE A 100 17.76 3.61 -5.62
N PHE A 101 17.47 3.97 -6.87
CA PHE A 101 16.10 4.03 -7.38
C PHE A 101 16.07 3.83 -8.90
N GLY A 102 14.89 3.44 -9.35
CA GLY A 102 14.60 3.28 -10.77
C GLY A 102 14.21 4.60 -11.45
N LEU A 103 14.81 4.78 -12.59
CA LEU A 103 14.47 5.87 -13.54
C LEU A 103 13.74 5.17 -14.69
N SER A 104 12.41 5.39 -14.83
CA SER A 104 11.65 4.61 -15.83
C SER A 104 12.09 4.86 -17.29
N GLU A 105 12.02 3.79 -18.03
CA GLU A 105 12.27 3.75 -19.50
C GLU A 105 10.98 3.44 -20.24
N THR A 106 10.20 2.48 -19.73
CA THR A 106 8.89 2.17 -20.27
C THR A 106 7.88 2.01 -19.10
N GLU A 107 6.73 2.58 -19.31
CA GLU A 107 5.56 2.48 -18.43
C GLU A 107 4.35 2.19 -19.30
N PRO A 108 4.16 0.94 -19.75
CA PRO A 108 3.12 0.59 -20.73
C PRO A 108 1.74 0.56 -20.10
N GLY A 109 0.76 0.89 -20.95
CA GLY A 109 -0.67 0.78 -20.63
C GLY A 109 -1.38 2.05 -20.14
N SER A 110 -2.72 1.91 -20.13
CA SER A 110 -3.65 2.95 -19.75
C SER A 110 -3.60 3.36 -18.25
N PHE A 111 -3.40 2.41 -17.36
CA PHE A 111 -3.44 2.63 -15.89
C PHE A 111 -2.52 3.76 -15.40
N LEU A 112 -1.23 3.65 -15.73
CA LEU A 112 -0.23 4.67 -15.27
C LEU A 112 -0.46 6.07 -15.91
N TYR A 113 -1.06 6.11 -17.11
CA TYR A 113 -1.40 7.37 -17.81
C TYR A 113 -2.43 8.23 -17.05
N TYR A 114 -3.46 7.55 -16.53
CA TYR A 114 -4.60 8.15 -15.80
C TYR A 114 -4.40 8.36 -14.29
N ALA A 115 -3.44 7.62 -13.72
CA ALA A 115 -3.04 7.73 -12.31
C ALA A 115 -2.51 9.15 -11.97
N PRO A 116 -2.89 9.70 -10.81
CA PRO A 116 -2.45 11.05 -10.37
C PRO A 116 -1.03 11.14 -9.77
N PHE A 117 -0.43 9.99 -9.46
CA PHE A 117 0.93 9.90 -8.91
C PHE A 117 1.99 9.66 -10.02
N ASP A 118 3.20 10.17 -9.82
CA ASP A 118 4.35 9.90 -10.70
C ASP A 118 4.99 8.52 -10.52
N GLY A 119 5.30 8.12 -9.28
CA GLY A 119 5.95 6.82 -9.02
C GLY A 119 5.46 6.10 -7.76
N ILE A 120 6.29 5.14 -7.31
CA ILE A 120 6.00 4.28 -6.15
C ILE A 120 7.26 4.22 -5.28
N LEU A 121 7.00 4.39 -3.98
CA LEU A 121 8.02 4.25 -2.92
C LEU A 121 7.60 3.04 -2.10
N GLY A 122 8.26 1.92 -2.41
CA GLY A 122 7.98 0.65 -1.75
C GLY A 122 8.52 0.65 -0.31
N LEU A 123 7.73 0.04 0.57
CA LEU A 123 7.99 -0.01 2.03
C LEU A 123 8.08 -1.44 2.64
N ALA A 124 8.06 -2.47 1.79
CA ALA A 124 8.21 -3.87 2.21
C ALA A 124 9.68 -4.30 2.33
N TYR A 125 9.92 -5.60 2.52
CA TYR A 125 11.25 -6.17 2.81
C TYR A 125 12.16 -6.24 1.57
N PRO A 126 13.50 -6.16 1.73
CA PRO A 126 14.47 -6.23 0.61
C PRO A 126 14.36 -7.50 -0.23
N SER A 127 13.90 -8.59 0.37
CA SER A 127 13.84 -9.89 -0.29
C SER A 127 12.93 -9.93 -1.53
N ILE A 128 11.95 -9.05 -1.57
CA ILE A 128 11.05 -8.98 -2.76
C ILE A 128 11.40 -7.85 -3.74
N SER A 129 12.47 -7.12 -3.42
CA SER A 129 12.91 -5.95 -4.21
C SER A 129 13.52 -6.43 -5.53
N SER A 130 12.93 -5.90 -6.61
CA SER A 130 13.44 -6.15 -7.98
C SER A 130 14.85 -5.61 -8.14
N SER A 131 15.66 -6.46 -8.75
CA SER A 131 17.13 -6.32 -8.96
C SER A 131 17.94 -6.17 -7.65
N GLY A 132 17.33 -6.63 -6.54
CA GLY A 132 17.87 -6.49 -5.17
C GLY A 132 18.23 -5.05 -4.78
N ALA A 133 17.49 -4.08 -5.30
CA ALA A 133 17.71 -2.66 -5.00
C ALA A 133 17.30 -2.38 -3.55
N THR A 134 18.19 -1.73 -2.80
CA THR A 134 17.96 -1.37 -1.39
C THR A 134 16.69 -0.49 -1.30
N PRO A 135 15.66 -0.93 -0.57
CA PRO A 135 14.46 -0.10 -0.32
C PRO A 135 14.89 1.18 0.43
N VAL A 136 14.03 2.18 0.28
CA VAL A 136 14.23 3.50 0.99
C VAL A 136 14.40 3.34 2.50
N PHE A 137 13.44 2.69 3.17
CA PHE A 137 13.45 2.54 4.64
C PHE A 137 14.67 1.76 5.16
N ASP A 138 15.08 0.72 4.44
CA ASP A 138 16.32 -0.01 4.77
C ASP A 138 17.55 0.89 4.71
N ASN A 139 17.59 1.77 3.69
CA ASN A 139 18.73 2.68 3.50
C ASN A 139 18.78 3.80 4.57
N ILE A 140 17.60 4.29 4.95
CA ILE A 140 17.42 5.29 6.05
C ILE A 140 17.95 4.71 7.36
N TRP A 141 17.55 3.46 7.68
CA TRP A 141 17.93 2.74 8.90
C TRP A 141 19.42 2.41 8.95
N ASN A 142 19.93 1.84 7.84
CA ASN A 142 21.35 1.51 7.65
C ASN A 142 22.33 2.69 7.79
N GLN A 143 21.79 3.88 7.54
CA GLN A 143 22.56 5.14 7.69
C GLN A 143 22.40 5.86 9.05
N GLY A 144 21.66 5.22 9.95
CA GLY A 144 21.35 5.73 11.30
C GLY A 144 20.56 7.06 11.31
N LEU A 145 19.59 7.17 10.38
CA LEU A 145 18.85 8.43 10.18
C LEU A 145 17.54 8.55 11.04
N VAL A 146 17.07 7.41 11.46
CA VAL A 146 16.04 7.28 12.51
C VAL A 146 16.61 6.45 13.68
N SER A 147 15.97 6.60 14.80
CA SER A 147 16.31 5.87 16.06
C SER A 147 15.51 4.58 16.23
N GLN A 148 14.25 4.67 15.82
CA GLN A 148 13.33 3.54 15.88
C GLN A 148 13.15 2.98 14.49
N ASP A 149 13.40 1.67 14.39
CA ASP A 149 13.37 0.94 13.12
C ASP A 149 11.94 0.48 12.77
N LEU A 150 11.07 1.47 12.77
CA LEU A 150 9.65 1.32 12.44
C LEU A 150 9.10 2.58 11.76
N PHE A 151 7.96 2.38 11.12
CA PHE A 151 7.15 3.47 10.55
C PHE A 151 5.68 3.12 10.76
N SER A 152 4.85 4.16 10.85
CA SER A 152 3.42 3.97 11.05
C SER A 152 2.58 4.82 10.10
N VAL A 153 1.42 4.26 9.78
CA VAL A 153 0.58 4.78 8.71
C VAL A 153 -0.81 5.05 9.26
N TYR A 154 -1.23 6.29 9.03
CA TYR A 154 -2.64 6.70 9.23
C TYR A 154 -3.24 7.16 7.90
N LEU A 155 -4.27 6.44 7.49
CA LEU A 155 -4.95 6.75 6.23
C LEU A 155 -6.36 7.29 6.60
N SER A 156 -6.61 8.48 6.10
CA SER A 156 -7.92 9.18 6.33
C SER A 156 -9.04 8.56 5.50
N ALA A 157 -10.26 8.88 5.91
CA ALA A 157 -11.49 8.44 5.23
C ALA A 157 -12.21 9.57 4.51
N ASP A 158 -13.13 9.22 3.60
CA ASP A 158 -14.02 10.15 2.87
C ASP A 158 -13.34 11.41 2.31
N ASP A 159 -12.24 11.18 1.58
CA ASP A 159 -11.42 12.21 0.94
C ASP A 159 -10.82 13.32 1.82
N GLN A 160 -10.83 13.10 3.13
CA GLN A 160 -10.31 14.08 4.10
C GLN A 160 -8.79 14.19 4.05
N SER A 161 -8.26 15.40 4.28
CA SER A 161 -6.85 15.62 4.61
C SER A 161 -6.50 14.91 5.95
N GLY A 162 -5.22 14.76 6.19
CA GLY A 162 -4.72 14.25 7.49
C GLY A 162 -3.99 12.92 7.45
N SER A 163 -4.09 12.17 6.33
CA SER A 163 -3.31 10.95 6.15
C SER A 163 -1.84 11.27 6.29
N VAL A 164 -1.11 10.41 7.00
CA VAL A 164 0.33 10.56 7.26
C VAL A 164 1.03 9.21 7.29
N VAL A 165 2.31 9.26 6.89
CA VAL A 165 3.29 8.19 7.16
C VAL A 165 4.29 8.78 8.13
N ILE A 166 4.47 8.10 9.25
CA ILE A 166 5.42 8.55 10.29
C ILE A 166 6.65 7.63 10.29
N PHE A 167 7.77 8.19 9.89
CA PHE A 167 9.07 7.46 9.86
C PHE A 167 9.79 7.55 11.19
N GLY A 168 10.09 6.35 11.73
CA GLY A 168 10.83 6.20 12.98
C GLY A 168 10.08 6.67 14.22
N GLY A 169 8.77 6.43 14.22
CA GLY A 169 7.92 6.84 15.34
C GLY A 169 6.42 6.52 15.15
N ILE A 170 5.78 6.63 16.30
CA ILE A 170 4.33 6.42 16.53
C ILE A 170 3.77 7.73 17.03
N ASP A 171 2.51 7.93 16.73
CA ASP A 171 1.72 9.03 17.33
C ASP A 171 0.41 8.46 17.85
N SER A 172 0.33 8.37 19.18
CA SER A 172 -0.81 7.77 19.90
C SER A 172 -2.13 8.56 19.87
N SER A 173 -2.08 9.78 19.32
CA SER A 173 -3.25 10.61 19.02
C SER A 173 -4.17 9.99 17.97
N TYR A 174 -3.62 9.13 17.12
CA TYR A 174 -4.31 8.54 15.96
C TYR A 174 -5.16 7.29 16.22
N TYR A 175 -4.93 6.72 17.39
CA TYR A 175 -5.58 5.45 17.78
C TYR A 175 -6.16 5.49 19.18
N THR A 176 -7.06 4.54 19.38
CA THR A 176 -7.67 4.32 20.71
C THR A 176 -7.24 2.97 21.25
N GLY A 177 -7.02 2.94 22.60
CA GLY A 177 -6.49 1.80 23.33
C GLY A 177 -4.96 1.68 23.17
N SER A 178 -4.52 0.42 23.25
CA SER A 178 -3.11 0.06 23.01
C SER A 178 -2.96 -0.81 21.76
N LEU A 179 -1.78 -0.69 21.16
CA LEU A 179 -1.38 -1.50 20.02
C LEU A 179 -1.40 -2.98 20.35
N ASN A 180 -1.99 -3.75 19.46
CA ASN A 180 -1.91 -5.20 19.43
C ASN A 180 -0.84 -5.57 18.40
N TRP A 181 0.11 -6.37 18.83
CA TRP A 181 1.27 -6.80 18.07
C TRP A 181 1.08 -8.17 17.45
N VAL A 182 1.35 -8.23 16.13
CA VAL A 182 1.12 -9.42 15.31
C VAL A 182 2.44 -9.78 14.62
N PRO A 183 2.95 -11.01 14.75
CA PRO A 183 4.20 -11.39 14.06
C PRO A 183 4.00 -11.53 12.56
N VAL A 184 5.02 -11.03 11.83
CA VAL A 184 5.18 -11.34 10.41
C VAL A 184 5.56 -12.80 10.23
N THR A 185 4.78 -13.51 9.43
CA THR A 185 5.00 -14.95 9.21
C THR A 185 6.14 -15.23 8.24
N VAL A 186 6.11 -14.52 7.12
CA VAL A 186 7.14 -14.55 6.08
C VAL A 186 7.59 -13.12 5.81
N GLU A 187 8.90 -12.92 5.84
CA GLU A 187 9.55 -11.61 5.59
C GLU A 187 9.80 -11.35 4.08
N GLY A 188 8.84 -10.66 3.52
CA GLY A 188 8.79 -10.32 2.05
C GLY A 188 7.88 -9.10 1.91
N TYR A 189 6.62 -9.43 1.83
CA TYR A 189 5.52 -8.48 2.12
C TYR A 189 5.37 -8.38 3.65
N TRP A 190 4.49 -7.49 4.10
CA TRP A 190 4.13 -7.46 5.54
C TRP A 190 3.03 -8.49 5.77
N GLN A 191 3.47 -9.75 5.85
CA GLN A 191 2.59 -10.93 5.82
C GLN A 191 2.28 -11.48 7.19
N ILE A 192 1.01 -11.73 7.43
CA ILE A 192 0.46 -12.16 8.72
C ILE A 192 -0.52 -13.31 8.52
N THR A 193 -0.90 -13.95 9.64
CA THR A 193 -1.96 -14.98 9.66
C THR A 193 -3.25 -14.28 10.06
N VAL A 194 -4.31 -14.59 9.30
CA VAL A 194 -5.71 -14.30 9.66
C VAL A 194 -6.31 -15.63 10.14
N ASP A 195 -6.70 -15.65 11.42
CA ASP A 195 -7.26 -16.85 12.06
C ASP A 195 -8.59 -17.31 11.45
N SER A 196 -9.44 -16.33 11.16
CA SER A 196 -10.74 -16.54 10.48
C SER A 196 -11.36 -15.20 10.02
N ILE A 197 -12.27 -15.37 9.06
CA ILE A 197 -13.19 -14.29 8.60
C ILE A 197 -14.62 -14.74 8.88
N THR A 198 -15.26 -13.99 9.77
CA THR A 198 -16.60 -14.32 10.24
C THR A 198 -17.65 -13.21 10.00
N MET A 199 -18.89 -13.67 9.92
CA MET A 199 -20.09 -12.83 9.83
C MET A 199 -21.21 -13.53 10.62
N ASN A 200 -21.73 -12.83 11.62
CA ASN A 200 -22.72 -13.34 12.58
C ASN A 200 -22.35 -14.67 13.30
N GLY A 201 -21.08 -14.72 13.68
CA GLY A 201 -20.40 -15.87 14.36
C GLY A 201 -20.18 -17.11 13.49
N GLU A 202 -20.32 -16.98 12.18
CA GLU A 202 -20.09 -18.03 11.18
C GLU A 202 -18.93 -17.61 10.28
N ALA A 203 -17.97 -18.52 10.12
CA ALA A 203 -16.86 -18.41 9.13
C ALA A 203 -17.36 -18.47 7.69
N ILE A 204 -17.13 -17.33 7.05
CA ILE A 204 -17.49 -17.10 5.61
C ILE A 204 -16.34 -17.37 4.66
N ALA A 205 -15.12 -17.28 5.22
CA ALA A 205 -13.88 -17.62 4.54
C ALA A 205 -12.83 -17.94 5.61
N CYS A 206 -11.78 -18.63 5.18
CA CYS A 206 -10.55 -18.79 5.98
C CYS A 206 -10.87 -19.33 7.39
N ALA A 207 -11.64 -20.45 7.38
CA ALA A 207 -12.21 -21.11 8.56
C ALA A 207 -11.18 -21.68 9.54
N GLU A 208 -10.06 -22.14 8.95
CA GLU A 208 -8.88 -22.67 9.62
C GLU A 208 -7.61 -21.84 9.38
N GLY A 209 -7.81 -20.55 9.17
CA GLY A 209 -6.70 -19.62 9.00
C GLY A 209 -6.26 -19.52 7.52
N CYS A 210 -5.57 -18.41 7.30
CA CYS A 210 -5.05 -18.00 5.96
C CYS A 210 -4.00 -16.91 6.10
N GLN A 211 -3.25 -16.74 5.01
CA GLN A 211 -2.15 -15.77 4.92
C GLN A 211 -2.60 -14.47 4.25
N ALA A 212 -2.31 -13.36 4.93
CA ALA A 212 -2.70 -12.04 4.42
C ALA A 212 -1.53 -11.06 4.48
N ILE A 213 -1.57 -10.10 3.58
CA ILE A 213 -0.59 -8.98 3.59
C ILE A 213 -1.25 -7.64 3.90
N VAL A 214 -0.53 -6.77 4.58
CA VAL A 214 -1.03 -5.45 4.98
C VAL A 214 -0.45 -4.48 3.95
N ASP A 215 -1.30 -4.07 3.05
CA ASP A 215 -0.86 -3.39 1.78
C ASP A 215 -1.55 -2.04 1.58
N THR A 216 -0.76 -1.01 1.85
CA THR A 216 -1.25 0.38 1.68
C THR A 216 -1.50 0.76 0.23
N GLY A 217 -0.95 0.00 -0.70
CA GLY A 217 -1.02 0.31 -2.14
C GLY A 217 -2.21 -0.33 -2.84
N THR A 218 -2.92 -1.19 -2.13
CA THR A 218 -4.11 -1.87 -2.69
C THR A 218 -5.37 -1.22 -2.12
N SER A 219 -6.33 -0.87 -2.99
CA SER A 219 -7.52 -0.10 -2.58
C SER A 219 -8.48 -0.91 -1.72
N LEU A 220 -8.76 -2.11 -2.20
CA LEU A 220 -9.81 -3.01 -1.70
C LEU A 220 -9.25 -4.17 -0.87
N LEU A 221 -10.18 -4.91 -0.33
CA LEU A 221 -9.93 -6.19 0.39
C LEU A 221 -9.95 -7.25 -0.69
N THR A 222 -8.77 -7.81 -0.97
CA THR A 222 -8.69 -8.85 -2.01
C THR A 222 -8.39 -10.23 -1.42
N GLY A 223 -8.92 -11.24 -2.11
CA GLY A 223 -8.69 -12.64 -1.73
C GLY A 223 -8.78 -13.55 -2.96
N PRO A 224 -8.53 -14.86 -2.80
CA PRO A 224 -8.71 -15.85 -3.88
C PRO A 224 -10.15 -15.78 -4.38
N THR A 225 -10.29 -16.01 -5.68
CA THR A 225 -11.57 -15.83 -6.41
C THR A 225 -12.77 -16.62 -5.87
N SER A 226 -12.55 -17.86 -5.42
CA SER A 226 -13.63 -18.70 -4.88
C SER A 226 -14.18 -18.29 -3.51
N PRO A 227 -13.36 -18.02 -2.46
CA PRO A 227 -13.86 -17.49 -1.17
C PRO A 227 -14.54 -16.11 -1.33
N ILE A 228 -13.98 -15.27 -2.20
CA ILE A 228 -14.57 -13.93 -2.49
C ILE A 228 -15.95 -14.04 -3.13
N ALA A 229 -16.13 -14.99 -4.06
CA ALA A 229 -17.46 -15.24 -4.65
C ALA A 229 -18.54 -15.55 -3.60
N ASN A 230 -18.13 -16.27 -2.55
CA ASN A 230 -18.98 -16.54 -1.38
C ASN A 230 -19.28 -15.28 -0.54
N ILE A 231 -18.24 -14.45 -0.30
CA ILE A 231 -18.41 -13.18 0.42
C ILE A 231 -19.35 -12.22 -0.34
N GLN A 232 -19.22 -12.19 -1.67
CA GLN A 232 -20.10 -11.39 -2.56
C GLN A 232 -21.59 -11.75 -2.43
N SER A 233 -21.91 -13.06 -2.44
CA SER A 233 -23.29 -13.55 -2.24
C SER A 233 -23.84 -13.26 -0.85
N ASP A 234 -22.97 -13.33 0.18
CA ASP A 234 -23.33 -13.09 1.58
C ASP A 234 -23.75 -11.65 1.90
N ILE A 235 -23.16 -10.72 1.16
CA ILE A 235 -23.42 -9.26 1.33
C ILE A 235 -24.40 -8.66 0.28
N GLY A 236 -24.90 -9.53 -0.58
CA GLY A 236 -25.92 -9.22 -1.60
C GLY A 236 -25.41 -8.43 -2.82
N ALA A 237 -24.15 -8.62 -3.14
CA ALA A 237 -23.52 -8.00 -4.33
C ALA A 237 -23.94 -8.75 -5.60
N SER A 238 -24.47 -7.99 -6.54
CA SER A 238 -24.76 -8.52 -7.88
C SER A 238 -23.85 -7.84 -8.90
N GLU A 239 -23.51 -8.67 -9.90
CA GLU A 239 -22.67 -8.26 -11.03
C GLU A 239 -23.49 -7.48 -12.08
N ASN A 240 -23.25 -6.16 -12.09
CA ASN A 240 -23.95 -5.23 -13.00
C ASN A 240 -23.37 -5.25 -14.43
N SER A 241 -24.19 -4.66 -15.30
CA SER A 241 -24.05 -4.64 -16.78
C SER A 241 -22.72 -4.05 -17.32
N ASP A 242 -22.08 -3.24 -16.50
CA ASP A 242 -20.83 -2.49 -16.84
C ASP A 242 -19.51 -3.10 -16.31
N GLY A 243 -19.62 -4.17 -15.50
CA GLY A 243 -18.46 -4.88 -14.92
C GLY A 243 -18.35 -4.85 -13.36
N ASP A 244 -19.03 -3.85 -12.77
CA ASP A 244 -19.00 -3.60 -11.31
C ASP A 244 -19.77 -4.65 -10.50
N MET A 245 -19.32 -4.81 -9.24
CA MET A 245 -20.00 -5.62 -8.20
C MET A 245 -20.73 -4.69 -7.24
N VAL A 246 -22.03 -4.55 -7.52
CA VAL A 246 -22.86 -3.51 -6.87
C VAL A 246 -23.76 -4.05 -5.76
N VAL A 247 -23.92 -3.18 -4.77
CA VAL A 247 -24.86 -3.36 -3.65
C VAL A 247 -25.74 -2.11 -3.58
N SER A 248 -27.00 -2.29 -3.20
CA SER A 248 -27.92 -1.19 -2.91
C SER A 248 -27.39 -0.37 -1.71
N CYS A 249 -27.17 0.92 -1.94
CA CYS A 249 -26.75 1.84 -0.86
C CYS A 249 -27.65 1.79 0.38
N SER A 250 -28.93 1.49 0.15
CA SER A 250 -29.96 1.35 1.20
C SER A 250 -29.62 0.26 2.21
N ALA A 251 -29.02 -0.83 1.73
CA ALA A 251 -28.64 -2.02 2.48
C ALA A 251 -27.50 -1.90 3.54
N ILE A 252 -26.71 -0.83 3.48
CA ILE A 252 -25.62 -0.60 4.47
C ILE A 252 -26.13 -0.67 5.92
N SER A 253 -27.32 -0.12 6.12
CA SER A 253 -28.00 -0.06 7.43
C SER A 253 -28.43 -1.41 8.04
N SER A 254 -28.54 -2.44 7.20
CA SER A 254 -29.03 -3.78 7.62
C SER A 254 -27.99 -4.93 7.58
N LEU A 255 -26.83 -4.65 7.00
CA LEU A 255 -25.72 -5.63 6.92
C LEU A 255 -24.92 -5.70 8.24
N PRO A 256 -24.40 -6.90 8.59
CA PRO A 256 -23.54 -7.04 9.78
C PRO A 256 -22.09 -6.73 9.46
N ASP A 257 -21.28 -6.48 10.47
CA ASP A 257 -19.83 -6.36 10.37
C ASP A 257 -19.24 -7.71 9.94
N ILE A 258 -18.20 -7.61 9.11
CA ILE A 258 -17.32 -8.77 8.79
C ILE A 258 -16.10 -8.64 9.69
N VAL A 259 -15.84 -9.72 10.41
CA VAL A 259 -14.80 -9.72 11.45
C VAL A 259 -13.58 -10.52 10.98
N PHE A 260 -12.44 -9.82 10.95
CA PHE A 260 -11.14 -10.45 10.73
C PHE A 260 -10.52 -10.69 12.10
N THR A 261 -10.38 -11.96 12.45
CA THR A 261 -9.67 -12.34 13.71
C THR A 261 -8.19 -12.55 13.41
N ILE A 262 -7.36 -11.78 14.10
CA ILE A 262 -5.89 -11.77 13.86
C ILE A 262 -5.20 -11.87 15.22
N ASN A 263 -4.53 -13.01 15.41
CA ASN A 263 -3.80 -13.39 16.65
C ASN A 263 -4.74 -13.45 17.88
N GLY A 264 -5.92 -14.00 17.60
CA GLY A 264 -7.01 -14.17 18.58
C GLY A 264 -7.66 -12.88 19.05
N VAL A 265 -7.46 -11.78 18.30
CA VAL A 265 -8.15 -10.49 18.50
C VAL A 265 -9.06 -10.20 17.28
N GLN A 266 -10.28 -9.77 17.58
CA GLN A 266 -11.32 -9.38 16.61
C GLN A 266 -11.15 -7.96 16.07
N TYR A 267 -11.12 -7.87 14.74
CA TYR A 267 -11.02 -6.60 13.99
C TYR A 267 -12.24 -6.46 13.06
N PRO A 268 -13.36 -5.95 13.57
CA PRO A 268 -14.58 -5.76 12.75
C PRO A 268 -14.39 -4.68 11.69
N VAL A 269 -14.91 -5.00 10.49
CA VAL A 269 -15.02 -4.03 9.38
C VAL A 269 -16.52 -3.80 9.16
N PRO A 270 -17.00 -2.60 9.50
CA PRO A 270 -18.44 -2.25 9.35
C PRO A 270 -18.88 -2.13 7.88
N PRO A 271 -20.17 -2.31 7.54
CA PRO A 271 -20.66 -2.14 6.16
C PRO A 271 -20.48 -0.74 5.57
N SER A 272 -20.34 0.29 6.42
CA SER A 272 -19.98 1.64 5.97
C SER A 272 -18.53 1.78 5.49
N ALA A 273 -17.71 0.78 5.77
CA ALA A 273 -16.31 0.66 5.28
C ALA A 273 -16.15 -0.35 4.14
N TYR A 274 -16.82 -1.51 4.24
CA TYR A 274 -16.66 -2.52 3.21
C TYR A 274 -17.56 -2.37 1.97
N ILE A 275 -18.57 -1.49 2.08
CA ILE A 275 -19.40 -1.02 0.95
C ILE A 275 -18.98 0.45 0.67
N LEU A 276 -18.47 0.60 -0.54
CA LEU A 276 -17.91 1.87 -1.02
C LEU A 276 -18.95 2.63 -1.87
N GLN A 277 -18.96 3.95 -1.69
CA GLN A 277 -19.72 4.92 -2.50
C GLN A 277 -18.79 5.51 -3.54
N SER A 278 -18.98 5.00 -4.75
CA SER A 278 -18.24 5.45 -5.93
C SER A 278 -19.18 5.73 -7.09
N GLU A 279 -19.26 7.03 -7.35
CA GLU A 279 -19.89 7.62 -8.56
C GLU A 279 -21.39 7.33 -8.75
N GLY A 280 -22.09 7.45 -7.63
CA GLY A 280 -23.56 7.43 -7.53
C GLY A 280 -24.20 6.14 -7.01
N SER A 281 -23.51 5.05 -7.36
CA SER A 281 -23.83 3.71 -6.88
C SER A 281 -22.86 3.29 -5.76
N CYS A 282 -23.33 2.23 -5.09
CA CYS A 282 -22.54 1.53 -4.06
C CYS A 282 -21.97 0.17 -4.55
N ILE A 283 -20.65 0.05 -4.30
CA ILE A 283 -19.86 -1.13 -4.74
C ILE A 283 -19.28 -1.91 -3.57
N SER A 284 -19.12 -3.22 -3.78
CA SER A 284 -18.38 -4.10 -2.85
C SER A 284 -16.90 -3.71 -2.73
N GLY A 285 -16.42 -3.64 -1.49
CA GLY A 285 -14.99 -3.46 -1.14
C GLY A 285 -14.13 -4.72 -1.21
N PHE A 286 -14.74 -5.82 -1.67
CA PHE A 286 -14.11 -7.12 -1.90
C PHE A 286 -13.87 -7.34 -3.36
N GLN A 287 -12.67 -7.77 -3.65
CA GLN A 287 -12.19 -8.05 -5.04
C GLN A 287 -11.56 -9.43 -5.10
N GLY A 288 -11.95 -10.18 -6.14
CA GLY A 288 -11.44 -11.52 -6.38
C GLY A 288 -10.16 -11.47 -7.21
N MET A 289 -9.08 -11.90 -6.60
CA MET A 289 -7.77 -12.09 -7.26
C MET A 289 -6.94 -13.24 -6.67
N ASN A 290 -6.46 -14.11 -7.57
CA ASN A 290 -5.53 -15.19 -7.23
C ASN A 290 -4.08 -14.72 -7.38
N LEU A 291 -3.43 -14.67 -6.19
CA LEU A 291 -2.04 -14.31 -5.96
C LEU A 291 -1.35 -15.53 -5.31
N PRO A 292 -0.84 -16.44 -6.13
CA PRO A 292 -0.24 -17.70 -5.62
C PRO A 292 1.19 -17.48 -5.13
N THR A 293 1.36 -17.98 -3.91
CA THR A 293 2.69 -18.15 -3.28
C THR A 293 2.77 -19.52 -2.59
N GLU A 294 3.95 -19.77 -2.05
CA GLU A 294 4.33 -20.99 -1.29
C GLU A 294 3.80 -21.13 0.15
N SER A 295 3.05 -20.12 0.64
CA SER A 295 2.34 -20.20 1.94
C SER A 295 0.84 -20.41 1.77
N GLY A 296 0.38 -20.11 0.58
CA GLY A 296 -0.99 -20.31 0.06
C GLY A 296 -1.30 -19.21 -0.94
N GLU A 297 -2.61 -19.08 -1.24
CA GLU A 297 -3.11 -17.90 -1.95
C GLU A 297 -3.40 -16.79 -0.94
N LEU A 298 -2.75 -15.65 -1.20
CA LEU A 298 -2.78 -14.47 -0.34
C LEU A 298 -4.09 -13.71 -0.43
N TRP A 299 -4.47 -13.26 0.77
CA TRP A 299 -5.43 -12.19 0.95
C TRP A 299 -4.66 -10.87 1.04
N ILE A 300 -5.27 -9.80 0.53
CA ILE A 300 -4.74 -8.44 0.74
C ILE A 300 -5.71 -7.67 1.61
N LEU A 301 -5.17 -7.27 2.77
CA LEU A 301 -5.80 -6.27 3.62
C LEU A 301 -5.33 -4.90 3.13
N GLY A 302 -6.10 -4.39 2.16
CA GLY A 302 -5.84 -3.10 1.51
C GLY A 302 -6.35 -1.89 2.31
N ASP A 303 -6.64 -0.82 1.59
CA ASP A 303 -6.97 0.48 2.23
C ASP A 303 -8.30 0.51 2.98
N VAL A 304 -9.24 -0.34 2.54
CA VAL A 304 -10.52 -0.60 3.24
C VAL A 304 -10.26 -0.96 4.73
N PHE A 305 -9.33 -1.89 4.96
CA PHE A 305 -8.93 -2.33 6.31
C PHE A 305 -8.11 -1.28 7.08
N ILE A 306 -7.08 -0.75 6.41
CA ILE A 306 -6.12 0.18 7.04
C ILE A 306 -6.78 1.48 7.53
N ARG A 307 -7.77 1.99 6.79
CA ARG A 307 -8.56 3.15 7.25
C ARG A 307 -9.21 2.95 8.63
N GLN A 308 -9.58 1.70 8.91
CA GLN A 308 -10.19 1.36 10.20
C GLN A 308 -9.20 1.19 11.34
N TYR A 309 -7.96 0.79 11.00
CA TYR A 309 -6.92 0.43 11.97
C TYR A 309 -5.57 1.11 11.68
N PHE A 310 -5.20 2.02 12.55
CA PHE A 310 -3.82 2.59 12.55
C PHE A 310 -2.80 1.46 12.60
N THR A 311 -1.84 1.50 11.68
CA THR A 311 -0.93 0.41 11.40
C THR A 311 0.50 0.86 11.57
N VAL A 312 1.19 0.05 12.41
CA VAL A 312 2.61 0.21 12.75
C VAL A 312 3.36 -0.97 12.14
N PHE A 313 4.44 -0.65 11.42
CA PHE A 313 5.27 -1.65 10.70
C PHE A 313 6.67 -1.68 11.33
N ASP A 314 6.85 -2.65 12.20
CA ASP A 314 8.07 -2.77 13.04
C ASP A 314 9.11 -3.72 12.46
N ARG A 315 10.18 -3.12 11.92
CA ARG A 315 11.30 -3.85 11.34
C ARG A 315 12.31 -4.41 12.36
N ALA A 316 12.40 -3.77 13.54
CA ALA A 316 13.28 -4.23 14.65
C ALA A 316 12.89 -5.61 15.16
N ASN A 317 11.58 -5.83 15.31
CA ASN A 317 11.01 -7.07 15.85
C ASN A 317 10.20 -7.89 14.83
N ASN A 318 10.14 -7.44 13.57
CA ASN A 318 9.34 -8.11 12.52
C ASN A 318 7.90 -8.41 12.98
N GLN A 319 7.22 -7.31 13.31
CA GLN A 319 5.80 -7.34 13.74
C GLN A 319 5.00 -6.17 13.14
N VAL A 320 3.70 -6.40 13.00
CA VAL A 320 2.71 -5.35 12.65
C VAL A 320 1.92 -5.00 13.92
N GLY A 321 1.77 -3.70 14.20
CA GLY A 321 0.94 -3.17 15.29
C GLY A 321 -0.38 -2.62 14.74
N LEU A 322 -1.48 -2.99 15.39
CA LEU A 322 -2.85 -2.58 14.98
C LEU A 322 -3.61 -2.04 16.17
N ALA A 323 -4.38 -0.96 15.91
CA ALA A 323 -5.31 -0.36 16.88
C ALA A 323 -6.39 0.47 16.17
N PRO A 324 -7.64 0.49 16.65
CA PRO A 324 -8.71 1.23 15.97
C PRO A 324 -8.42 2.73 15.96
N VAL A 325 -8.63 3.32 14.79
CA VAL A 325 -8.42 4.77 14.58
C VAL A 325 -9.28 5.59 15.55
N ALA A 326 -8.72 6.69 16.01
CA ALA A 326 -9.43 7.64 16.91
C ALA A 326 -10.50 8.45 16.17
#